data_5H29
#
_entry.id   5H29
#
_cell.length_a   134.278
_cell.length_b   134.278
_cell.length_c   134.278
_cell.angle_alpha   90.00
_cell.angle_beta   90.00
_cell.angle_gamma   90.00
#
_symmetry.space_group_name_H-M   'P 41 3 2'
#
loop_
_entity.id
_entity.type
_entity.pdbx_description
1 polymer 'Thioredoxin reductase/glutathione-related protein'
2 non-polymer 'SULFATE ION'
3 non-polymer 2-AMINO-2-HYDROXYMETHYL-PROPANE-1,3-DIOL
4 non-polymer PROLINE
5 water water
#
_entity_poly.entity_id   1
_entity_poly.type   'polypeptide(L)'
_entity_poly.pdbx_seq_one_letter_code
;MKHHHHHHPMAWFPESMRQQLSGIFAKLTKKVTLLQFLDASDEKSLELQSFLTEFASLDQKITLETILKDTEPAKELLYG
IEKMPSVVLLDAAGNYTGIKFSGIPSGHEVNSLVLAVYNVGSEGQPLEASLQKNILALPKRKIEIFVSLTCHFCPDVVAA
CQRIASINPHVEAEMVDISLFPELKKEKKIMSVPAMLIDGEQMIFGSKTMTEIIEALA
;
_entity_poly.pdbx_strand_id   A
#
loop_
_chem_comp.id
_chem_comp.type
_chem_comp.name
_chem_comp.formula
SO4 non-polymer 'SULFATE ION' 'O4 S -2'
TRS non-polymer 2-AMINO-2-HYDROXYMETHYL-PROPANE-1,3-DIOL 'C4 H12 N O3 1'
#
# COMPACT_ATOMS: atom_id res chain seq x y z
N TRP A 12 -8.48 9.89 -13.96
CA TRP A 12 -7.34 9.87 -13.05
C TRP A 12 -6.04 9.52 -13.75
N PHE A 13 -6.11 8.88 -14.91
CA PHE A 13 -4.92 8.35 -15.57
C PHE A 13 -4.82 8.83 -17.02
N PRO A 14 -3.88 9.76 -17.29
CA PRO A 14 -3.54 10.15 -18.65
C PRO A 14 -3.07 8.95 -19.48
N GLU A 15 -3.24 9.02 -20.79
CA GLU A 15 -2.77 7.96 -21.69
C GLU A 15 -1.24 7.84 -21.66
N SER A 16 -0.57 8.93 -21.26
CA SER A 16 0.86 8.90 -20.99
C SER A 16 1.20 7.88 -19.90
N MET A 17 0.42 7.90 -18.82
CA MET A 17 0.59 6.92 -17.73
C MET A 17 0.25 5.51 -18.18
N ARG A 18 -0.90 5.39 -18.87
CA ARG A 18 -1.38 4.10 -19.34
C ARG A 18 -0.38 3.40 -20.25
N GLN A 19 0.39 4.16 -21.02
CA GLN A 19 1.51 3.60 -21.78
C GLN A 19 2.50 2.92 -20.84
N GLN A 20 2.88 3.62 -19.78
CA GLN A 20 3.84 3.10 -18.80
C GLN A 20 3.28 1.93 -18.00
N LEU A 21 2.04 2.08 -17.54
CA LEU A 21 1.43 1.08 -16.65
C LEU A 21 1.17 -0.24 -17.37
N SER A 22 0.84 -0.17 -18.65
CA SER A 22 0.66 -1.37 -19.48
C SER A 22 1.96 -2.14 -19.65
N GLY A 23 3.07 -1.43 -19.75
CA GLY A 23 4.38 -2.07 -19.73
C GLY A 23 4.56 -2.90 -18.48
N ILE A 24 4.18 -2.34 -17.34
CA ILE A 24 4.32 -3.03 -16.06
C ILE A 24 3.27 -4.12 -15.91
N PHE A 25 2.02 -3.80 -16.21
CA PHE A 25 0.93 -4.76 -16.03
C PHE A 25 1.01 -5.94 -16.99
N ALA A 26 1.71 -5.77 -18.11
CA ALA A 26 2.07 -6.90 -18.97
C ALA A 26 2.85 -7.98 -18.20
N LYS A 27 3.61 -7.57 -17.19
CA LYS A 27 4.41 -8.50 -16.38
C LYS A 27 3.60 -9.31 -15.36
N LEU A 28 2.33 -8.96 -15.14
CA LEU A 28 1.50 -9.65 -14.17
C LEU A 28 1.23 -11.09 -14.58
N THR A 29 1.57 -12.03 -13.70
CA THR A 29 1.32 -13.46 -13.90
C THR A 29 0.23 -14.03 -12.98
N LYS A 30 -0.09 -13.33 -11.89
CA LYS A 30 -1.12 -13.77 -10.95
C LYS A 30 -2.19 -12.69 -10.77
N LYS A 31 -3.41 -13.13 -10.52
CA LYS A 31 -4.51 -12.21 -10.25
C LYS A 31 -4.31 -11.49 -8.92
N VAL A 32 -4.90 -10.31 -8.84
CA VAL A 32 -4.82 -9.51 -7.62
C VAL A 32 -6.18 -8.86 -7.38
N THR A 33 -6.55 -8.73 -6.11
CA THR A 33 -7.82 -8.10 -5.76
C THR A 33 -7.57 -6.90 -4.88
N LEU A 34 -8.15 -5.77 -5.27
CA LEU A 34 -8.17 -4.57 -4.43
C LEU A 34 -9.52 -4.55 -3.71
N LEU A 35 -9.49 -4.54 -2.39
CA LEU A 35 -10.72 -4.57 -1.59
C LEU A 35 -10.87 -3.26 -0.83
N GLN A 36 -11.85 -2.44 -1.23
CA GLN A 36 -12.14 -1.17 -0.55
CA GLN A 36 -12.12 -1.18 -0.56
C GLN A 36 -13.26 -1.33 0.45
N PHE A 37 -13.08 -0.72 1.61
CA PHE A 37 -14.13 -0.62 2.60
C PHE A 37 -14.71 0.78 2.44
N LEU A 38 -15.90 0.82 1.86
CA LEU A 38 -16.50 2.06 1.39
C LEU A 38 -17.49 2.62 2.42
N ASP A 39 -17.25 3.84 2.85
CA ASP A 39 -18.23 4.59 3.62
C ASP A 39 -18.96 5.50 2.64
N ALA A 40 -20.19 5.14 2.31
CA ALA A 40 -21.02 5.89 1.35
C ALA A 40 -21.29 7.34 1.75
N SER A 41 -21.16 7.65 3.04
CA SER A 41 -21.40 9.01 3.51
C SER A 41 -20.13 9.87 3.54
N ASP A 42 -18.97 9.29 3.20
CA ASP A 42 -17.73 10.06 3.15
CA ASP A 42 -17.69 10.02 3.16
C ASP A 42 -17.24 10.33 1.73
N GLU A 43 -16.99 11.59 1.44
CA GLU A 43 -16.59 12.03 0.11
C GLU A 43 -15.28 11.39 -0.35
N LYS A 44 -14.33 11.27 0.57
CA LYS A 44 -13.03 10.68 0.25
C LYS A 44 -13.15 9.19 -0.10
N SER A 45 -14.14 8.51 0.47
CA SER A 45 -14.43 7.11 0.11
C SER A 45 -14.97 7.01 -1.32
N LEU A 46 -15.83 7.96 -1.69
CA LEU A 46 -16.36 8.00 -3.06
C LEU A 46 -15.27 8.34 -4.07
N GLU A 47 -14.38 9.27 -3.72
CA GLU A 47 -13.21 9.58 -4.55
C GLU A 47 -12.34 8.34 -4.76
N LEU A 48 -12.06 7.63 -3.67
CA LEU A 48 -11.23 6.41 -3.74
C LEU A 48 -11.88 5.39 -4.66
N GLN A 49 -13.20 5.23 -4.54
CA GLN A 49 -13.95 4.33 -5.40
C GLN A 49 -13.78 4.70 -6.87
N SER A 50 -13.92 5.99 -7.17
CA SER A 50 -13.73 6.47 -8.55
C SER A 50 -12.31 6.17 -9.05
N PHE A 51 -11.32 6.53 -8.24
CA PHE A 51 -9.92 6.22 -8.54
C PHE A 51 -9.68 4.72 -8.79
N LEU A 52 -10.10 3.88 -7.86
CA LEU A 52 -9.85 2.45 -7.93
C LEU A 52 -10.58 1.79 -9.11
N THR A 53 -11.82 2.21 -9.35
CA THR A 53 -12.57 1.70 -10.49
C THR A 53 -11.75 1.89 -11.78
N GLU A 54 -11.25 3.09 -11.99
CA GLU A 54 -10.45 3.37 -13.19
C GLU A 54 -9.14 2.59 -13.17
N PHE A 55 -8.48 2.55 -12.02
CA PHE A 55 -7.24 1.81 -11.91
C PHE A 55 -7.43 0.33 -12.24
N ALA A 56 -8.49 -0.27 -11.71
CA ALA A 56 -8.74 -1.69 -11.92
C ALA A 56 -8.96 -1.99 -13.41
N SER A 57 -9.55 -1.06 -14.14
CA SER A 57 -9.79 -1.24 -15.58
C SER A 57 -8.51 -1.27 -16.43
N LEU A 58 -7.35 -1.02 -15.82
CA LEU A 58 -6.08 -1.02 -16.55
C LEU A 58 -5.59 -2.43 -16.91
N ASP A 59 -6.10 -3.46 -16.23
CA ASP A 59 -5.70 -4.83 -16.54
C ASP A 59 -6.70 -5.88 -16.01
N GLN A 60 -6.91 -6.92 -16.81
CA GLN A 60 -7.83 -7.99 -16.50
C GLN A 60 -7.50 -8.71 -15.20
N LYS A 61 -6.22 -8.75 -14.83
CA LYS A 61 -5.78 -9.44 -13.61
C LYS A 61 -6.08 -8.67 -12.34
N ILE A 62 -6.44 -7.39 -12.47
CA ILE A 62 -6.75 -6.56 -11.31
C ILE A 62 -8.25 -6.50 -11.13
N THR A 63 -8.71 -6.95 -9.97
CA THR A 63 -10.13 -6.88 -9.60
C THR A 63 -10.32 -5.90 -8.47
N LEU A 64 -11.32 -5.03 -8.60
CA LEU A 64 -11.77 -4.20 -7.49
C LEU A 64 -13.02 -4.82 -6.89
N GLU A 65 -13.01 -5.04 -5.58
CA GLU A 65 -14.20 -5.45 -4.85
C GLU A 65 -14.54 -4.43 -3.78
N THR A 66 -15.84 -4.31 -3.52
CA THR A 66 -16.33 -3.27 -2.62
C THR A 66 -17.16 -3.86 -1.49
N ILE A 67 -16.85 -3.44 -0.27
CA ILE A 67 -17.60 -3.81 0.91
C ILE A 67 -17.94 -2.52 1.65
N LEU A 68 -19.21 -2.34 2.00
CA LEU A 68 -19.60 -1.19 2.79
C LEU A 68 -19.02 -1.27 4.20
N LYS A 69 -18.45 -0.15 4.66
CA LYS A 69 -17.92 -0.02 6.01
C LYS A 69 -18.98 -0.40 7.05
N ASP A 70 -18.54 -1.06 8.12
CA ASP A 70 -19.41 -1.47 9.23
C ASP A 70 -20.43 -2.58 8.89
N THR A 71 -20.37 -3.17 7.70
CA THR A 71 -21.23 -4.31 7.41
C THR A 71 -20.54 -5.65 7.62
N GLU A 72 -19.20 -5.70 7.63
CA GLU A 72 -18.48 -6.96 7.76
C GLU A 72 -17.41 -6.89 8.85
N PRO A 73 -17.84 -6.86 10.12
CA PRO A 73 -16.87 -6.67 11.22
C PRO A 73 -15.79 -7.76 11.33
N ALA A 74 -16.10 -8.98 10.92
CA ALA A 74 -15.10 -10.06 10.93
C ALA A 74 -13.99 -9.81 9.92
N LYS A 75 -14.37 -9.30 8.74
CA LYS A 75 -13.39 -8.92 7.71
C LYS A 75 -12.57 -7.71 8.12
N GLU A 76 -13.23 -6.73 8.71
CA GLU A 76 -12.54 -5.52 9.16
C GLU A 76 -11.49 -5.84 10.23
N LEU A 77 -11.85 -6.76 11.12
CA LEU A 77 -10.94 -7.29 12.14
C LEU A 77 -9.76 -7.99 11.47
N LEU A 78 -10.05 -8.89 10.56
CA LEU A 78 -9.03 -9.63 9.82
C LEU A 78 -8.02 -8.70 9.14
N TYR A 79 -8.49 -7.59 8.57
CA TYR A 79 -7.62 -6.64 7.86
C TYR A 79 -7.20 -5.43 8.69
N GLY A 80 -7.61 -5.38 9.96
CA GLY A 80 -7.26 -4.25 10.83
C GLY A 80 -7.72 -2.90 10.30
N ILE A 81 -8.93 -2.85 9.77
CA ILE A 81 -9.44 -1.64 9.12
C ILE A 81 -9.75 -0.58 10.17
N GLU A 82 -8.95 0.47 10.21
CA GLU A 82 -9.16 1.61 11.11
C GLU A 82 -9.33 2.91 10.32
N LYS A 83 -8.26 3.36 9.69
CA LYS A 83 -8.26 4.63 8.99
C LYS A 83 -9.08 4.56 7.70
N MET A 84 -9.72 5.69 7.37
CA MET A 84 -10.54 5.78 6.18
C MET A 84 -10.08 6.99 5.36
N PRO A 85 -10.20 6.91 4.03
CA PRO A 85 -10.68 5.76 3.27
C PRO A 85 -9.64 4.64 3.27
N SER A 86 -10.06 3.46 2.85
CA SER A 86 -9.25 2.26 3.03
C SER A 86 -9.38 1.28 1.88
N VAL A 87 -8.24 0.78 1.42
CA VAL A 87 -8.22 -0.31 0.48
C VAL A 87 -7.05 -1.22 0.81
N VAL A 88 -7.28 -2.54 0.69
CA VAL A 88 -6.26 -3.54 0.94
C VAL A 88 -6.01 -4.40 -0.29
N LEU A 89 -4.84 -5.02 -0.34
CA LEU A 89 -4.45 -5.90 -1.43
C LEU A 89 -4.57 -7.38 -1.03
N LEU A 90 -5.28 -8.14 -1.86
CA LEU A 90 -5.40 -9.58 -1.69
C LEU A 90 -4.68 -10.26 -2.85
N ASP A 91 -3.96 -11.36 -2.56
CA ASP A 91 -3.36 -12.18 -3.62
C ASP A 91 -4.41 -13.03 -4.32
N ALA A 92 -3.98 -13.79 -5.32
CA ALA A 92 -4.89 -14.60 -6.15
C ALA A 92 -5.73 -15.59 -5.36
N ALA A 93 -5.17 -16.12 -4.28
CA ALA A 93 -5.87 -17.09 -3.43
C ALA A 93 -6.84 -16.45 -2.44
N GLY A 94 -6.91 -15.11 -2.41
CA GLY A 94 -7.83 -14.39 -1.54
C GLY A 94 -7.25 -14.01 -0.20
N ASN A 95 -5.95 -14.27 -0.02
CA ASN A 95 -5.29 -13.99 1.25
C ASN A 95 -4.82 -12.53 1.36
N TYR A 96 -4.87 -12.00 2.57
CA TYR A 96 -4.42 -10.65 2.84
C TYR A 96 -2.90 -10.58 2.76
N THR A 97 -2.39 -9.70 1.90
CA THR A 97 -0.95 -9.56 1.70
C THR A 97 -0.27 -8.70 2.76
N GLY A 98 -1.05 -8.06 3.62
CA GLY A 98 -0.52 -7.09 4.59
C GLY A 98 -0.35 -5.70 4.00
N ILE A 99 -0.74 -5.52 2.75
CA ILE A 99 -0.54 -4.24 2.07
C ILE A 99 -1.84 -3.44 2.07
N LYS A 100 -1.75 -2.20 2.54
CA LYS A 100 -2.93 -1.36 2.74
C LYS A 100 -2.64 0.07 2.36
N PHE A 101 -3.67 0.77 1.92
CA PHE A 101 -3.59 2.20 1.63
C PHE A 101 -4.67 2.93 2.42
N SER A 102 -4.26 3.93 3.20
CA SER A 102 -5.17 4.75 3.96
C SER A 102 -5.11 6.16 3.38
N GLY A 103 -6.15 6.51 2.63
CA GLY A 103 -6.14 7.67 1.76
C GLY A 103 -6.16 7.17 0.32
N ILE A 104 -6.07 8.10 -0.62
CA ILE A 104 -6.08 7.77 -2.04
C ILE A 104 -4.65 7.88 -2.57
N PRO A 105 -4.10 6.78 -3.10
CA PRO A 105 -2.74 6.83 -3.63
C PRO A 105 -2.71 7.41 -5.05
N SER A 106 -3.20 8.64 -5.18
CA SER A 106 -3.24 9.35 -6.44
C SER A 106 -1.97 10.20 -6.56
N GLY A 107 -1.90 11.00 -7.62
CA GLY A 107 -0.73 11.83 -7.87
C GLY A 107 0.48 10.93 -7.97
N HIS A 108 1.50 11.25 -7.20
CA HIS A 108 2.77 10.56 -7.30
C HIS A 108 2.74 9.20 -6.62
N GLU A 109 1.78 9.00 -5.71
CA GLU A 109 1.60 7.71 -5.05
C GLU A 109 0.99 6.63 -5.94
N VAL A 110 0.54 6.98 -7.15
CA VAL A 110 0.17 5.96 -8.12
C VAL A 110 1.33 4.97 -8.28
N ASN A 111 2.56 5.47 -8.23
CA ASN A 111 3.76 4.62 -8.22
C ASN A 111 3.70 3.52 -7.16
N SER A 112 3.25 3.88 -5.95
CA SER A 112 3.16 2.93 -4.85
C SER A 112 2.18 1.82 -5.15
N LEU A 113 0.98 2.19 -5.59
CA LEU A 113 -0.05 1.20 -5.88
C LEU A 113 0.36 0.27 -7.02
N VAL A 114 0.97 0.83 -8.05
CA VAL A 114 1.45 0.06 -9.20
C VAL A 114 2.45 -1.01 -8.75
N LEU A 115 3.45 -0.60 -7.99
CA LEU A 115 4.48 -1.53 -7.49
C LEU A 115 3.89 -2.63 -6.57
N ALA A 116 2.96 -2.25 -5.70
CA ALA A 116 2.30 -3.22 -4.81
C ALA A 116 1.56 -4.27 -5.62
N VAL A 117 0.79 -3.82 -6.60
CA VAL A 117 0.09 -4.73 -7.49
C VAL A 117 1.07 -5.62 -8.27
N TYR A 118 2.15 -5.03 -8.76
CA TYR A 118 3.16 -5.79 -9.49
C TYR A 118 3.77 -6.87 -8.61
N ASN A 119 4.22 -6.49 -7.42
CA ASN A 119 4.83 -7.44 -6.49
C ASN A 119 3.91 -8.56 -6.00
N VAL A 120 2.60 -8.28 -5.91
CA VAL A 120 1.63 -9.30 -5.48
C VAL A 120 1.20 -10.16 -6.67
N GLY A 121 1.14 -9.57 -7.86
CA GLY A 121 0.70 -10.27 -9.07
C GLY A 121 1.83 -10.80 -9.94
N SER A 122 3.03 -10.92 -9.37
CA SER A 122 4.17 -11.49 -10.09
C SER A 122 5.18 -12.05 -9.12
N GLU A 123 6.24 -12.65 -9.66
CA GLU A 123 7.35 -13.15 -8.85
C GLU A 123 8.31 -12.04 -8.43
N GLY A 124 8.08 -10.82 -8.92
CA GLY A 124 8.89 -9.68 -8.52
C GLY A 124 10.22 -9.63 -9.25
N GLN A 125 10.98 -8.58 -9.01
CA GLN A 125 12.27 -8.40 -9.65
C GLN A 125 13.32 -9.32 -9.04
N PRO A 126 14.32 -9.72 -9.85
CA PRO A 126 15.44 -10.49 -9.29
C PRO A 126 16.02 -9.82 -8.04
N LEU A 127 16.26 -10.61 -7.00
CA LEU A 127 16.73 -10.09 -5.71
C LEU A 127 17.88 -10.93 -5.17
N GLU A 128 18.79 -10.30 -4.42
CA GLU A 128 19.94 -10.99 -3.86
C GLU A 128 19.48 -11.96 -2.78
N ALA A 129 20.07 -13.17 -2.78
CA ALA A 129 19.77 -14.17 -1.75
C ALA A 129 19.99 -13.60 -0.35
N SER A 130 21.02 -12.77 -0.21
CA SER A 130 21.31 -12.07 1.04
C SER A 130 20.11 -11.25 1.51
N LEU A 131 19.57 -10.43 0.59
CA LEU A 131 18.41 -9.58 0.91
C LEU A 131 17.15 -10.40 1.17
N GLN A 132 16.89 -11.39 0.32
CA GLN A 132 15.66 -12.16 0.45
C GLN A 132 15.66 -13.08 1.67
N LYS A 133 16.84 -13.59 2.03
CA LYS A 133 17.01 -14.35 3.27
C LYS A 133 16.60 -13.49 4.46
N ASN A 134 17.15 -12.28 4.50
CA ASN A 134 16.86 -11.34 5.59
C ASN A 134 15.39 -10.96 5.65
N ILE A 135 14.76 -10.74 4.49
CA ILE A 135 13.34 -10.41 4.40
C ILE A 135 12.49 -11.53 5.00
N LEU A 136 12.69 -12.75 4.50
CA LEU A 136 11.96 -13.92 5.02
C LEU A 136 12.25 -14.15 6.51
N ALA A 137 13.44 -13.78 6.96
CA ALA A 137 13.85 -13.95 8.35
C ALA A 137 13.19 -12.96 9.31
N LEU A 138 12.66 -11.86 8.78
CA LEU A 138 12.09 -10.81 9.62
C LEU A 138 10.93 -11.33 10.47
N PRO A 139 10.78 -10.80 11.70
CA PRO A 139 9.68 -11.21 12.57
C PRO A 139 8.39 -10.48 12.21
N LYS A 140 7.35 -10.68 13.02
CA LYS A 140 6.10 -9.96 12.85
C LYS A 140 6.33 -8.46 13.04
N ARG A 141 5.74 -7.65 12.16
CA ARG A 141 5.89 -6.20 12.23
C ARG A 141 4.82 -5.47 11.43
N LYS A 142 4.43 -4.31 11.94
CA LYS A 142 3.44 -3.46 11.29
C LYS A 142 4.09 -2.11 11.00
N ILE A 143 4.09 -1.73 9.72
CA ILE A 143 4.73 -0.51 9.27
C ILE A 143 3.68 0.46 8.74
N GLU A 144 3.77 1.71 9.19
CA GLU A 144 2.99 2.79 8.61
C GLU A 144 3.95 3.73 7.91
N ILE A 145 3.74 3.94 6.61
CA ILE A 145 4.55 4.88 5.85
C ILE A 145 3.72 6.12 5.57
N PHE A 146 4.07 7.22 6.24
CA PHE A 146 3.35 8.48 6.09
C PHE A 146 3.90 9.26 4.90
N VAL A 147 2.99 9.79 4.08
CA VAL A 147 3.35 10.44 2.83
C VAL A 147 2.43 11.63 2.55
N SER A 148 2.85 12.49 1.64
CA SER A 148 1.95 13.44 1.00
C SER A 148 1.83 13.01 -0.46
N LEU A 149 0.82 13.50 -1.16
CA LEU A 149 0.61 13.14 -2.57
C LEU A 149 1.59 13.82 -3.53
N THR A 150 2.24 14.89 -3.08
CA THR A 150 3.23 15.61 -3.89
C THR A 150 4.71 15.32 -3.51
N CYS A 151 4.93 14.47 -2.51
CA CYS A 151 6.29 14.08 -2.08
C CYS A 151 6.93 13.11 -3.09
N HIS A 152 8.04 13.54 -3.71
CA HIS A 152 8.64 12.77 -4.82
C HIS A 152 9.42 11.56 -4.34
N PHE A 153 9.97 11.62 -3.13
CA PHE A 153 10.77 10.52 -2.62
C PHE A 153 9.97 9.51 -1.78
N CYS A 154 8.67 9.78 -1.59
CA CYS A 154 7.82 8.92 -0.74
C CYS A 154 7.54 7.54 -1.34
N PRO A 155 7.14 7.46 -2.63
CA PRO A 155 6.77 6.16 -3.20
C PRO A 155 7.84 5.08 -3.13
N ASP A 156 9.11 5.48 -3.21
CA ASP A 156 10.23 4.53 -3.14
C ASP A 156 10.22 3.80 -1.81
N VAL A 157 10.06 4.56 -0.73
CA VAL A 157 10.02 3.98 0.61
C VAL A 157 8.78 3.09 0.81
N VAL A 158 7.62 3.58 0.36
CA VAL A 158 6.37 2.81 0.44
C VAL A 158 6.52 1.49 -0.28
N ALA A 159 7.02 1.54 -1.52
CA ALA A 159 7.14 0.34 -2.35
C ALA A 159 8.09 -0.70 -1.76
N ALA A 160 9.15 -0.26 -1.10
CA ALA A 160 10.11 -1.17 -0.46
C ALA A 160 9.48 -1.90 0.73
N CYS A 161 8.81 -1.15 1.60
CA CYS A 161 8.11 -1.75 2.74
C CYS A 161 7.00 -2.70 2.31
N GLN A 162 6.25 -2.31 1.29
CA GLN A 162 5.14 -3.12 0.81
C GLN A 162 5.64 -4.33 0.01
N ARG A 163 6.82 -4.20 -0.60
CA ARG A 163 7.46 -5.37 -1.20
C ARG A 163 7.85 -6.39 -0.13
N ILE A 164 8.37 -5.90 0.99
CA ILE A 164 8.69 -6.78 2.12
C ILE A 164 7.43 -7.50 2.60
N ALA A 165 6.32 -6.75 2.71
CA ALA A 165 5.04 -7.33 3.11
C ALA A 165 4.58 -8.40 2.12
N SER A 166 4.83 -8.18 0.83
CA SER A 166 4.41 -9.15 -0.20
C SER A 166 5.20 -10.46 -0.12
N ILE A 167 6.39 -10.42 0.46
CA ILE A 167 7.25 -11.60 0.55
C ILE A 167 7.08 -12.29 1.91
N ASN A 168 7.15 -11.50 2.98
CA ASN A 168 7.05 -12.02 4.34
C ASN A 168 5.61 -11.95 4.87
N PRO A 169 5.01 -13.12 5.20
CA PRO A 169 3.60 -13.13 5.58
C PRO A 169 3.27 -12.45 6.91
N HIS A 170 4.29 -12.16 7.73
CA HIS A 170 4.09 -11.54 9.04
C HIS A 170 4.36 -10.03 9.06
N VAL A 171 4.81 -9.48 7.93
CA VAL A 171 5.05 -8.03 7.82
C VAL A 171 3.88 -7.34 7.12
N GLU A 172 3.42 -6.24 7.70
CA GLU A 172 2.33 -5.44 7.14
C GLU A 172 2.81 -4.02 6.87
N ALA A 173 2.38 -3.45 5.75
CA ALA A 173 2.85 -2.13 5.33
C ALA A 173 1.70 -1.27 4.80
N GLU A 174 1.41 -0.19 5.52
CA GLU A 174 0.27 0.67 5.28
C GLU A 174 0.73 2.05 4.86
N MET A 175 0.39 2.45 3.64
CA MET A 175 0.62 3.82 3.21
C MET A 175 -0.42 4.71 3.89
N VAL A 176 0.01 5.83 4.47
CA VAL A 176 -0.92 6.78 5.07
C VAL A 176 -0.72 8.17 4.48
N ASP A 177 -1.74 8.70 3.82
CA ASP A 177 -1.71 10.09 3.38
C ASP A 177 -1.89 10.96 4.62
N ILE A 178 -0.78 11.45 5.17
CA ILE A 178 -0.79 12.15 6.45
C ILE A 178 -1.61 13.44 6.41
N SER A 179 -1.72 14.05 5.24
CA SER A 179 -2.55 15.25 5.08
C SER A 179 -4.04 15.00 5.34
N LEU A 180 -4.46 13.73 5.35
CA LEU A 180 -5.85 13.39 5.71
C LEU A 180 -6.04 13.15 7.20
N PHE A 181 -4.94 13.07 7.95
CA PHE A 181 -5.00 12.77 9.38
C PHE A 181 -4.19 13.81 10.18
N PRO A 182 -4.61 15.09 10.13
CA PRO A 182 -3.85 16.17 10.76
C PRO A 182 -3.64 16.01 12.27
N GLU A 183 -4.63 15.49 12.99
CA GLU A 183 -4.49 15.25 14.43
C GLU A 183 -3.42 14.19 14.71
N LEU A 184 -3.39 13.14 13.89
CA LEU A 184 -2.36 12.11 14.00
C LEU A 184 -0.97 12.68 13.70
N LYS A 185 -0.91 13.67 12.81
CA LYS A 185 0.37 14.32 12.49
C LYS A 185 0.99 14.97 13.72
N LYS A 186 0.18 15.66 14.52
CA LYS A 186 0.64 16.28 15.76
C LYS A 186 1.02 15.24 16.80
N GLU A 187 0.08 14.36 17.10
CA GLU A 187 0.27 13.31 18.12
C GLU A 187 1.61 12.60 17.93
N LYS A 188 1.81 12.01 16.77
CA LYS A 188 3.01 11.21 16.49
C LYS A 188 4.20 12.07 16.01
N LYS A 189 3.93 13.35 15.73
CA LYS A 189 4.96 14.31 15.33
C LYS A 189 5.64 13.95 14.00
N ILE A 190 4.82 13.75 12.97
CA ILE A 190 5.32 13.52 11.61
C ILE A 190 5.69 14.87 11.02
N MET A 191 6.97 15.23 11.11
CA MET A 191 7.41 16.53 10.64
C MET A 191 7.93 16.45 9.21
N SER A 192 8.82 15.49 8.93
CA SER A 192 9.39 15.34 7.59
C SER A 192 8.41 14.59 6.70
N VAL A 193 8.61 14.71 5.40
CA VAL A 193 7.58 14.36 4.42
C VAL A 193 7.36 12.84 4.21
N PRO A 194 8.44 12.06 3.97
CA PRO A 194 8.35 10.60 4.13
C PRO A 194 8.80 10.12 5.50
N ALA A 195 7.93 9.38 6.20
CA ALA A 195 8.22 8.90 7.55
C ALA A 195 7.69 7.48 7.77
N MET A 196 8.54 6.61 8.29
CA MET A 196 8.15 5.23 8.63
C MET A 196 7.94 5.10 10.12
N LEU A 197 6.84 4.45 10.52
CA LEU A 197 6.59 4.10 11.91
C LEU A 197 6.43 2.59 12.04
N ILE A 198 7.29 1.97 12.83
CA ILE A 198 7.32 0.52 13.00
C ILE A 198 6.69 0.15 14.34
N ASP A 199 5.67 -0.71 14.30
CA ASP A 199 4.97 -1.18 15.50
C ASP A 199 4.54 -0.05 16.44
N GLY A 200 4.21 1.10 15.87
CA GLY A 200 3.75 2.26 16.64
C GLY A 200 4.80 2.86 17.58
N GLU A 201 6.08 2.58 17.33
CA GLU A 201 7.15 3.00 18.24
C GLU A 201 8.23 3.85 17.58
N GLN A 202 9.09 3.22 16.78
CA GLN A 202 10.24 3.91 16.20
C GLN A 202 9.89 4.67 14.92
N MET A 203 10.03 6.00 14.96
CA MET A 203 9.91 6.84 13.76
C MET A 203 11.24 6.85 13.00
N ILE A 204 11.16 6.83 11.67
CA ILE A 204 12.35 6.91 10.83
C ILE A 204 12.04 7.78 9.61
N PHE A 205 12.71 8.92 9.50
CA PHE A 205 12.41 9.92 8.46
C PHE A 205 13.36 9.79 7.27
N GLY A 206 12.91 10.31 6.12
CA GLY A 206 13.75 10.41 4.92
C GLY A 206 13.84 9.15 4.08
N SER A 207 14.42 9.28 2.90
CA SER A 207 14.65 8.15 2.00
C SER A 207 15.49 7.09 2.68
N LYS A 208 15.21 5.82 2.38
CA LYS A 208 15.95 4.70 2.95
C LYS A 208 16.04 3.59 1.93
N THR A 209 17.20 2.93 1.88
CA THR A 209 17.38 1.79 0.98
C THR A 209 16.71 0.56 1.57
N MET A 210 16.55 -0.45 0.72
CA MET A 210 15.98 -1.72 1.11
C MET A 210 16.73 -2.32 2.30
N THR A 211 18.06 -2.30 2.23
CA THR A 211 18.90 -2.90 3.27
C THR A 211 18.76 -2.14 4.60
N GLU A 212 18.72 -0.82 4.52
CA GLU A 212 18.48 0.02 5.71
C GLU A 212 17.13 -0.31 6.36
N ILE A 213 16.10 -0.44 5.53
CA ILE A 213 14.75 -0.77 6.01
C ILE A 213 14.75 -2.14 6.68
N ILE A 214 15.37 -3.12 6.02
CA ILE A 214 15.49 -4.47 6.57
C ILE A 214 16.18 -4.46 7.94
N GLU A 215 17.25 -3.69 8.05
CA GLU A 215 17.98 -3.57 9.31
C GLU A 215 17.07 -3.01 10.40
N ALA A 216 16.35 -1.94 10.09
CA ALA A 216 15.42 -1.33 11.04
C ALA A 216 14.30 -2.30 11.44
N LEU A 217 13.91 -3.19 10.52
CA LEU A 217 12.87 -4.18 10.78
C LEU A 217 13.40 -5.41 11.55
N ALA A 218 14.71 -5.60 11.57
CA ALA A 218 15.34 -6.81 12.15
C ALA A 218 15.00 -7.02 13.63
S SO4 B . -10.18 -16.82 -15.20
O1 SO4 B . -9.51 -16.09 -14.09
O2 SO4 B . -9.27 -17.90 -15.65
O3 SO4 B . -10.48 -15.91 -16.32
O4 SO4 B . -11.44 -17.43 -14.70
C TRS C . -8.49 12.23 12.58
C1 TRS C . -7.28 11.76 13.39
C2 TRS C . -8.56 11.46 11.26
C3 TRS C . -8.47 13.74 12.31
N TRS C . -9.72 11.92 13.36
O1 TRS C . -6.05 12.14 12.75
O2 TRS C . -9.85 11.58 10.66
O3 TRS C . -7.14 14.26 12.19
N PRO D . 11.89 -7.74 -16.27
CA PRO D . 11.58 -9.07 -16.74
C PRO D . 10.10 -9.28 -17.04
O PRO D . 9.59 -10.40 -17.04
CB PRO D . 12.04 -9.96 -15.59
CG PRO D . 13.19 -9.22 -14.97
CD PRO D . 13.08 -7.76 -15.40
OXT PRO D . 9.37 -8.31 -17.27
#